data_3FAV
#
_entry.id   3FAV
#
_cell.length_a   160.340
_cell.length_b   23.930
_cell.length_c   83.860
_cell.angle_alpha   90.000
_cell.angle_beta   94.360
_cell.angle_gamma   90.000
#
_symmetry.space_group_name_H-M   'C 1 2 1'
#
loop_
_entity.id
_entity.type
_entity.pdbx_description
1 polymer 'ESAT-6-like protein esxB'
2 polymer '6 kDa early secretory antigenic target'
3 non-polymer 'ZINC ION'
4 non-polymer IMIDAZOLE
5 water water
#
loop_
_entity_poly.entity_id
_entity_poly.type
_entity_poly.pdbx_seq_one_letter_code
_entity_poly.pdbx_strand_id
1 'polypeptide(L)'
;AMAEMKTDAATLAQEAGNFERISGDLKTQIDQVESTAGSLQGQWRGAAGTAAQAAVVRFQEAANKQKQELDEISTNIRQA
GVQYSRADEEQQQALSSQMGF
;
A,C
2 'polypeptide(L)'
;TEQQWNFAGIEAAASAIQGNVTSIHSLLDEGKQSLTKLAAAWGGSGSEAYQGVQQKWDATATELNNALQNLARTISEAGQ
AMASTEGNVTGMFA
;
B,D
#
# COMPACT_ATOMS: atom_id res chain seq x y z
N LEU A 12 2.49 26.23 -36.93
CA LEU A 12 2.79 24.86 -36.58
C LEU A 12 4.24 24.63 -36.86
N ALA A 13 4.67 25.07 -38.01
CA ALA A 13 6.09 25.20 -38.27
C ALA A 13 6.95 25.63 -37.09
N GLN A 14 6.61 26.73 -36.45
CA GLN A 14 7.42 27.25 -35.36
C GLN A 14 7.05 26.64 -34.03
N GLU A 15 5.83 26.19 -33.93
CA GLU A 15 5.42 25.48 -32.73
C GLU A 15 6.16 24.16 -32.61
N ALA A 16 6.54 23.58 -33.75
CA ALA A 16 7.26 22.31 -33.79
C ALA A 16 8.55 22.34 -32.95
N GLY A 17 9.33 23.41 -33.12
CA GLY A 17 10.57 23.55 -32.39
C GLY A 17 10.35 23.61 -30.88
N ASN A 18 9.31 24.33 -30.48
CA ASN A 18 8.97 24.45 -29.07
C ASN A 18 8.56 23.11 -28.47
N PHE A 19 7.85 22.29 -29.23
CA PHE A 19 7.45 20.99 -28.72
C PHE A 19 8.66 20.07 -28.53
N GLU A 20 9.59 20.12 -29.47
CA GLU A 20 10.80 19.32 -29.38
C GLU A 20 11.60 19.76 -28.17
N ARG A 21 11.52 21.05 -27.87
CA ARG A 21 12.19 21.60 -26.69
C ARG A 21 11.52 21.04 -25.42
N ILE A 22 10.21 21.08 -25.36
CA ILE A 22 9.45 20.55 -24.22
C ILE A 22 9.74 19.07 -24.03
N SER A 23 9.63 18.33 -25.13
CA SER A 23 9.89 16.88 -25.15
C SER A 23 11.29 16.57 -24.64
N GLY A 24 12.27 17.33 -25.10
CA GLY A 24 13.64 17.19 -24.66
C GLY A 24 13.82 17.47 -23.19
N ASP A 25 13.18 18.53 -22.69
CA ASP A 25 13.22 18.87 -21.27
C ASP A 25 12.58 17.80 -20.40
N LEU A 26 11.48 17.24 -20.88
CA LEU A 26 10.76 16.22 -20.14
C LEU A 26 11.61 14.96 -20.05
N LYS A 27 12.21 14.57 -21.17
CA LYS A 27 13.00 13.36 -21.21
C LYS A 27 14.20 13.51 -20.29
N THR A 28 14.72 14.73 -20.23
CA THR A 28 15.84 15.07 -19.35
C THR A 28 15.45 14.94 -17.88
N GLN A 29 14.31 15.50 -17.51
CA GLN A 29 13.81 15.45 -16.14
C GLN A 29 13.52 14.01 -15.73
N ILE A 30 12.98 13.25 -16.66
CA ILE A 30 12.64 11.86 -16.46
C ILE A 30 13.92 11.03 -16.30
N ASP A 31 14.96 11.37 -17.06
CA ASP A 31 16.26 10.72 -16.91
C ASP A 31 16.83 11.00 -15.53
N GLN A 32 16.55 12.19 -15.02
CA GLN A 32 17.03 12.55 -13.69
C GLN A 32 16.35 11.70 -12.63
N VAL A 33 15.03 11.54 -12.75
CA VAL A 33 14.30 10.73 -11.78
C VAL A 33 14.80 9.29 -11.82
N GLU A 34 14.90 8.71 -13.03
CA GLU A 34 15.37 7.34 -13.22
C GLU A 34 16.78 7.13 -12.64
N SER A 35 17.60 8.16 -12.75
CA SER A 35 18.98 8.09 -12.27
C SER A 35 19.01 8.13 -10.74
N THR A 36 18.23 9.04 -10.16
CA THR A 36 18.12 9.17 -8.71
C THR A 36 17.54 7.91 -8.09
N ALA A 37 16.47 7.41 -8.67
CA ALA A 37 15.82 6.20 -8.20
C ALA A 37 16.75 4.99 -8.35
N GLY A 38 17.45 4.91 -9.46
CA GLY A 38 18.37 3.82 -9.73
C GLY A 38 19.49 3.73 -8.71
N SER A 39 19.95 4.88 -8.23
CA SER A 39 20.99 4.94 -7.21
C SER A 39 20.47 4.40 -5.87
N LEU A 40 19.17 4.19 -5.76
CA LEU A 40 18.55 3.59 -4.56
C LEU A 40 18.13 2.12 -4.66
N GLN A 41 18.32 1.51 -5.81
CA GLN A 41 17.94 0.11 -6.06
C GLN A 41 18.44 -0.89 -5.00
N GLY A 42 19.66 -0.72 -4.54
CA GLY A 42 20.15 -1.42 -3.38
C GLY A 42 19.40 -1.46 -2.06
N GLN A 43 18.87 -0.33 -1.61
CA GLN A 43 18.83 -0.06 -0.21
C GLN A 43 17.47 -0.05 0.42
N TRP A 44 16.47 -0.51 -0.31
CA TRP A 44 15.15 -0.64 0.23
C TRP A 44 15.04 -1.76 1.24
N ARG A 45 14.44 -1.46 2.37
CA ARG A 45 14.22 -2.47 3.36
C ARG A 45 12.93 -2.16 4.05
N GLY A 46 12.33 -3.20 4.62
CA GLY A 46 11.08 -3.09 5.33
C GLY A 46 9.89 -2.93 4.41
N ALA A 47 8.73 -2.70 5.01
CA ALA A 47 7.49 -2.51 4.26
C ALA A 47 7.52 -1.19 3.47
N ALA A 48 8.12 -0.16 4.05
CA ALA A 48 8.23 1.14 3.39
C ALA A 48 9.14 1.05 2.18
N GLY A 49 10.12 0.16 2.24
CA GLY A 49 11.02 -0.04 1.13
C GLY A 49 10.26 -0.69 0.00
N THR A 50 9.43 -1.66 0.31
CA THR A 50 8.61 -2.35 -0.67
C THR A 50 7.72 -1.37 -1.40
N ALA A 51 7.18 -0.44 -0.64
CA ALA A 51 6.37 0.64 -1.11
C ALA A 51 7.10 1.57 -2.04
N ALA A 52 8.33 1.89 -1.72
CA ALA A 52 9.15 2.71 -2.55
C ALA A 52 9.57 2.10 -3.88
N GLN A 53 9.96 0.84 -3.86
CA GLN A 53 10.17 0.01 -5.04
C GLN A 53 8.98 -0.09 -5.95
N ALA A 54 7.82 -0.32 -5.40
CA ALA A 54 6.64 -0.27 -6.18
C ALA A 54 6.43 1.13 -6.78
N ALA A 55 6.70 2.18 -6.01
CA ALA A 55 6.59 3.54 -6.49
C ALA A 55 7.48 3.86 -7.69
N VAL A 56 8.72 3.43 -7.61
CA VAL A 56 9.60 3.31 -8.74
C VAL A 56 9.10 2.68 -10.03
N VAL A 57 8.62 1.46 -9.93
CA VAL A 57 8.05 0.72 -11.04
C VAL A 57 6.84 1.44 -11.63
N ARG A 58 6.00 2.01 -10.77
CA ARG A 58 4.86 2.76 -11.27
C ARG A 58 5.32 4.00 -12.05
N PHE A 59 6.33 4.70 -11.53
CA PHE A 59 6.86 5.86 -12.21
C PHE A 59 7.48 5.48 -13.56
N GLN A 60 8.22 4.38 -13.57
CA GLN A 60 8.90 3.96 -14.78
C GLN A 60 7.90 3.63 -15.89
N GLU A 61 6.78 3.01 -15.50
CA GLU A 61 5.73 2.67 -16.46
C GLU A 61 5.04 3.93 -16.99
N ALA A 62 4.76 4.88 -16.10
CA ALA A 62 4.17 6.16 -16.49
C ALA A 62 5.11 6.99 -17.41
N ALA A 63 6.39 7.01 -17.06
CA ALA A 63 7.41 7.74 -17.82
C ALA A 63 7.70 7.12 -19.18
N ASN A 64 7.62 5.79 -19.27
CA ASN A 64 7.81 5.11 -20.55
C ASN A 64 6.62 5.39 -21.46
N LYS A 65 5.44 5.49 -20.87
CA LYS A 65 4.26 5.84 -21.66
C LYS A 65 4.31 7.29 -22.15
N GLN A 66 4.76 8.19 -21.29
CA GLN A 66 4.95 9.59 -21.65
C GLN A 66 5.96 9.71 -22.79
N LYS A 67 7.11 9.06 -22.65
CA LYS A 67 8.15 9.10 -23.69
C LYS A 67 7.63 8.60 -25.03
N GLN A 68 6.95 7.48 -25.01
CA GLN A 68 6.33 6.90 -26.16
C GLN A 68 5.39 7.85 -26.83
N GLU A 69 4.62 8.52 -26.02
CA GLU A 69 3.66 9.50 -26.50
C GLU A 69 4.37 10.68 -27.16
N LEU A 70 5.38 11.22 -26.49
CA LEU A 70 6.16 12.32 -27.06
C LEU A 70 6.71 11.96 -28.44
N ASP A 71 7.21 10.73 -28.61
CA ASP A 71 7.77 10.31 -29.88
C ASP A 71 6.69 10.20 -30.97
N GLU A 72 5.52 9.66 -30.61
CA GLU A 72 4.42 9.55 -31.57
C GLU A 72 3.98 10.93 -32.03
N ILE A 73 3.92 11.87 -31.10
CA ILE A 73 3.51 13.23 -31.41
C ILE A 73 4.53 13.94 -32.30
N SER A 74 5.81 13.76 -32.00
CA SER A 74 6.87 14.38 -32.78
C SER A 74 6.85 13.87 -34.23
N THR A 75 6.60 12.57 -34.38
CA THR A 75 6.55 11.95 -35.68
C THR A 75 5.37 12.52 -36.47
N ASN A 76 4.21 12.58 -35.83
CA ASN A 76 3.03 13.18 -36.42
C ASN A 76 3.30 14.59 -36.93
N ILE A 77 3.95 15.40 -36.09
CA ILE A 77 4.27 16.78 -36.43
C ILE A 77 5.23 16.88 -37.62
N ARG A 78 6.28 16.05 -37.60
CA ARG A 78 7.22 16.02 -38.72
C ARG A 78 6.52 15.61 -40.00
N GLN A 79 5.68 14.58 -39.92
CA GLN A 79 4.99 14.09 -41.10
C GLN A 79 3.95 15.08 -41.63
N ALA A 80 3.34 15.85 -40.73
CA ALA A 80 2.41 16.89 -41.17
C ALA A 80 3.18 18.05 -41.80
N GLY A 81 4.33 18.36 -41.22
CA GLY A 81 5.20 19.37 -41.79
C GLY A 81 5.52 19.06 -43.24
N VAL A 82 5.96 17.84 -43.52
CA VAL A 82 6.23 17.41 -44.89
C VAL A 82 5.04 17.68 -45.82
N GLN A 83 3.86 17.33 -45.35
CA GLN A 83 2.60 17.48 -46.03
C GLN A 83 2.26 18.90 -46.36
N TYR A 84 2.62 19.80 -45.46
CA TYR A 84 2.26 21.22 -45.48
C TYR A 84 3.29 21.97 -46.30
N SER A 85 4.53 21.54 -46.20
CA SER A 85 5.56 22.03 -47.09
C SER A 85 5.14 21.90 -48.55
N GLY B 9 21.02 10.85 2.47
CA GLY B 9 20.96 9.81 1.45
C GLY B 9 19.60 9.64 0.81
N ILE B 10 18.75 8.81 1.39
CA ILE B 10 17.42 8.64 0.88
C ILE B 10 16.65 9.91 0.97
N GLU B 11 17.07 10.78 1.88
CA GLU B 11 16.54 12.13 2.03
C GLU B 11 16.96 13.02 0.90
N ALA B 12 18.20 12.88 0.50
CA ALA B 12 18.67 13.62 -0.64
C ALA B 12 17.82 13.24 -1.81
N ALA B 13 17.63 11.96 -1.99
CA ALA B 13 17.10 11.49 -3.22
C ALA B 13 15.73 12.11 -3.26
N ALA B 14 14.95 11.83 -2.22
CA ALA B 14 13.64 12.37 -2.15
C ALA B 14 13.47 13.86 -2.43
N SER B 15 14.44 14.68 -2.05
CA SER B 15 14.44 16.12 -2.28
C SER B 15 14.69 16.46 -3.75
N ALA B 16 15.65 15.78 -4.37
CA ALA B 16 15.91 15.97 -5.78
C ALA B 16 14.66 15.63 -6.59
N ILE B 17 14.01 14.54 -6.21
CA ILE B 17 12.84 14.07 -6.92
C ILE B 17 11.64 15.03 -6.80
N GLN B 18 11.55 15.75 -5.69
CA GLN B 18 10.54 16.81 -5.56
C GLN B 18 10.71 17.91 -6.61
N GLY B 19 11.95 18.30 -6.86
CA GLY B 19 12.25 19.28 -7.90
C GLY B 19 11.76 18.74 -9.22
N ASN B 20 12.06 17.47 -9.49
CA ASN B 20 11.60 16.81 -10.70
C ASN B 20 10.09 16.87 -10.82
N VAL B 21 9.41 16.63 -9.70
CA VAL B 21 7.96 16.66 -9.66
C VAL B 21 7.41 17.98 -10.22
N THR B 22 7.92 19.08 -9.68
CA THR B 22 7.48 20.40 -10.08
C THR B 22 7.83 20.70 -11.53
N SER B 23 9.09 20.44 -11.89
CA SER B 23 9.57 20.70 -13.25
C SER B 23 8.76 19.92 -14.29
N ILE B 24 8.53 18.63 -14.03
CA ILE B 24 7.80 17.79 -14.97
C ILE B 24 6.34 18.21 -15.05
N HIS B 25 5.74 18.55 -13.92
CA HIS B 25 4.39 19.09 -13.96
C HIS B 25 4.30 20.31 -14.88
N SER B 26 5.21 21.26 -14.70
CA SER B 26 5.26 22.45 -15.54
C SER B 26 5.43 22.10 -17.02
N LEU B 27 6.32 21.16 -17.32
CA LEU B 27 6.59 20.77 -18.70
C LEU B 27 5.39 20.10 -19.37
N LEU B 28 4.65 19.30 -18.60
CA LEU B 28 3.45 18.66 -19.14
C LEU B 28 2.38 19.70 -19.45
N ASP B 29 2.26 20.73 -18.62
CA ASP B 29 1.37 21.85 -18.91
C ASP B 29 1.80 22.56 -20.20
N GLU B 30 3.10 22.84 -20.32
CA GLU B 30 3.64 23.46 -21.54
C GLU B 30 3.34 22.62 -22.77
N GLY B 31 3.52 21.30 -22.65
CA GLY B 31 3.25 20.39 -23.74
C GLY B 31 1.78 20.39 -24.14
N LYS B 32 0.90 20.54 -23.17
CA LYS B 32 -0.52 20.61 -23.45
C LYS B 32 -0.86 21.88 -24.23
N GLN B 33 -0.32 23.00 -23.81
CA GLN B 33 -0.49 24.22 -24.53
C GLN B 33 0.10 24.20 -25.92
N SER B 34 1.22 23.53 -26.12
CA SER B 34 1.83 23.38 -27.41
C SER B 34 0.96 22.63 -28.40
N LEU B 35 0.35 21.55 -27.95
CA LEU B 35 -0.55 20.71 -28.69
C LEU B 35 -1.72 21.47 -29.24
N THR B 36 -2.17 22.43 -28.47
CA THR B 36 -3.16 23.37 -28.88
C THR B 36 -2.83 24.11 -30.18
N LYS B 37 -1.57 24.37 -30.32
CA LYS B 37 -1.09 25.11 -31.43
C LYS B 37 -0.62 24.26 -32.55
N LEU B 38 -0.57 22.97 -32.33
CA LEU B 38 -0.09 22.04 -33.31
C LEU B 38 -1.23 21.25 -33.92
N ALA B 39 -2.42 21.70 -33.60
CA ALA B 39 -3.63 20.95 -33.79
C ALA B 39 -3.81 20.55 -35.23
N ALA B 40 -3.34 21.40 -36.13
CA ALA B 40 -3.35 21.11 -37.57
C ALA B 40 -2.79 19.74 -37.92
N ALA B 41 -1.82 19.28 -37.13
CA ALA B 41 -1.13 18.02 -37.43
C ALA B 41 -2.08 16.84 -37.40
N TRP B 42 -3.23 17.01 -36.76
CA TRP B 42 -4.20 15.92 -36.69
C TRP B 42 -5.51 16.28 -37.35
N GLY B 43 -5.49 17.35 -38.14
CA GLY B 43 -6.67 17.74 -38.90
C GLY B 43 -7.34 19.02 -38.42
N GLY B 44 -6.74 19.67 -37.42
CA GLY B 44 -7.27 20.92 -36.92
C GLY B 44 -8.04 20.76 -35.62
N SER B 45 -8.44 21.88 -35.03
CA SER B 45 -9.07 21.90 -33.70
C SER B 45 -10.40 21.15 -33.60
N GLY B 46 -11.07 20.93 -34.72
CA GLY B 46 -12.33 20.20 -34.74
C GLY B 46 -12.19 18.73 -35.13
N SER B 47 -10.95 18.24 -35.13
CA SER B 47 -10.66 16.85 -35.48
C SER B 47 -10.80 15.89 -34.30
N GLU B 48 -11.41 14.72 -34.54
CA GLU B 48 -11.53 13.70 -33.51
C GLU B 48 -10.16 13.11 -33.17
N ALA B 49 -9.27 13.10 -34.14
CA ALA B 49 -7.91 12.62 -33.89
C ALA B 49 -7.18 13.59 -32.97
N TYR B 50 -7.41 14.88 -33.17
CA TYR B 50 -6.81 15.89 -32.30
C TYR B 50 -7.36 15.76 -30.88
N GLN B 51 -8.68 15.66 -30.78
CA GLN B 51 -9.35 15.45 -29.51
C GLN B 51 -8.76 14.21 -28.80
N GLY B 52 -8.54 13.15 -29.57
CA GLY B 52 -7.91 11.94 -29.04
C GLY B 52 -6.52 12.22 -28.50
N VAL B 53 -5.68 12.94 -29.19
CA VAL B 53 -4.36 13.36 -28.74
C VAL B 53 -4.44 14.10 -27.39
N GLN B 54 -5.34 14.98 -27.33
CA GLN B 54 -5.46 15.78 -26.11
C GLN B 54 -5.92 14.96 -24.90
N GLN B 55 -6.84 14.03 -25.12
CA GLN B 55 -7.30 13.14 -24.05
C GLN B 55 -6.18 12.19 -23.63
N LYS B 56 -5.45 11.66 -24.60
CA LYS B 56 -4.29 10.81 -24.30
C LYS B 56 -3.24 11.59 -23.53
N TRP B 57 -2.99 12.83 -23.94
CA TRP B 57 -2.01 13.66 -23.24
C TRP B 57 -2.45 13.87 -21.79
N ASP B 58 -3.68 14.27 -21.59
CA ASP B 58 -4.22 14.52 -20.28
C ASP B 58 -4.05 13.29 -19.40
N ALA B 59 -4.42 12.15 -19.91
CA ALA B 59 -4.28 10.95 -19.19
C ALA B 59 -2.87 10.43 -18.84
N THR B 60 -2.00 10.38 -19.82
CA THR B 60 -0.58 10.14 -19.65
C THR B 60 0.10 11.11 -18.65
N ALA B 61 -0.21 12.37 -18.78
CA ALA B 61 0.31 13.40 -17.95
C ALA B 61 -0.08 13.30 -16.48
N THR B 62 -1.34 13.04 -16.25
CA THR B 62 -1.93 12.83 -14.96
C THR B 62 -1.33 11.62 -14.27
N GLU B 63 -1.26 10.47 -14.95
CA GLU B 63 -0.55 9.34 -14.43
C GLU B 63 0.93 9.55 -14.01
N LEU B 64 1.71 10.16 -14.89
CA LEU B 64 3.04 10.65 -14.60
C LEU B 64 3.18 11.53 -13.38
N ASN B 65 2.43 12.61 -13.30
CA ASN B 65 2.30 13.43 -12.12
C ASN B 65 1.92 12.68 -10.88
N ASN B 66 0.87 11.90 -10.94
CA ASN B 66 0.51 10.94 -9.91
C ASN B 66 1.59 9.95 -9.45
N ALA B 67 2.20 9.24 -10.37
CA ALA B 67 3.35 8.43 -10.09
C ALA B 67 4.53 9.17 -9.46
N LEU B 68 4.93 10.28 -10.04
CA LEU B 68 5.90 11.17 -9.50
C LEU B 68 5.63 11.63 -8.09
N GLN B 69 4.45 12.07 -7.77
CA GLN B 69 4.13 12.52 -6.44
C GLN B 69 4.23 11.38 -5.45
N ASN B 70 3.66 10.25 -5.80
CA ASN B 70 3.86 9.02 -5.11
C ASN B 70 5.29 8.56 -4.82
N LEU B 71 6.12 8.64 -5.83
CA LEU B 71 7.50 8.38 -5.70
C LEU B 71 8.21 9.26 -4.68
N ALA B 72 8.08 10.56 -4.79
CA ALA B 72 8.65 11.50 -3.88
C ALA B 72 8.27 11.23 -2.45
N ARG B 73 7.00 10.98 -2.25
CA ARG B 73 6.44 10.81 -0.94
C ARG B 73 6.82 9.49 -0.37
N THR B 74 6.77 8.42 -1.16
CA THR B 74 7.29 7.11 -0.69
C THR B 74 8.74 7.07 -0.39
N ILE B 75 9.53 7.73 -1.17
CA ILE B 75 10.94 7.69 -0.94
C ILE B 75 11.33 8.40 0.36
N SER B 76 10.74 9.53 0.63
CA SER B 76 10.87 10.13 1.91
C SER B 76 10.37 9.35 3.11
N GLU B 77 9.17 8.80 3.02
CA GLU B 77 8.64 7.81 3.94
C GLU B 77 9.48 6.59 4.24
N ALA B 78 10.26 6.14 3.27
CA ALA B 78 11.10 5.00 3.47
C ALA B 78 12.24 5.45 4.32
N GLY B 79 12.99 6.43 3.84
CA GLY B 79 14.14 6.94 4.57
C GLY B 79 13.83 7.25 6.02
N GLN B 80 12.58 7.60 6.29
CA GLN B 80 12.10 7.76 7.66
C GLN B 80 12.16 6.44 8.41
N MET C 2 -6.75 -19.44 49.92
CA MET C 2 -6.00 -20.46 49.23
C MET C 2 -6.86 -21.20 48.26
N ALA C 3 -8.13 -21.34 48.57
CA ALA C 3 -9.10 -21.92 47.68
C ALA C 3 -9.36 -21.05 46.54
N GLU C 4 -9.58 -19.78 46.83
CA GLU C 4 -9.75 -18.82 45.76
C GLU C 4 -8.60 -18.90 44.76
N MET C 5 -7.39 -19.03 45.28
CA MET C 5 -6.21 -19.05 44.43
C MET C 5 -6.21 -20.28 43.53
N LYS C 6 -6.57 -21.42 44.10
CA LYS C 6 -6.64 -22.66 43.33
C LYS C 6 -7.75 -22.60 42.28
N THR C 7 -8.87 -21.98 42.63
CA THR C 7 -9.98 -21.84 41.72
C THR C 7 -9.58 -20.93 40.57
N ASP C 8 -8.92 -19.82 40.89
CA ASP C 8 -8.51 -18.87 39.89
C ASP C 8 -7.47 -19.46 38.94
N ALA C 9 -6.51 -20.19 39.50
CA ALA C 9 -5.50 -20.84 38.68
C ALA C 9 -6.14 -21.85 37.73
N ALA C 10 -7.12 -22.61 38.23
CA ALA C 10 -7.82 -23.61 37.44
C ALA C 10 -8.68 -22.99 36.35
N THR C 11 -9.27 -21.84 36.64
CA THR C 11 -10.09 -21.14 35.68
C THR C 11 -9.26 -20.65 34.51
N LEU C 12 -8.11 -20.08 34.86
CA LEU C 12 -7.14 -19.57 33.89
C LEU C 12 -6.61 -20.71 33.02
N ALA C 13 -6.19 -21.79 33.68
CA ALA C 13 -5.59 -22.92 32.98
C ALA C 13 -6.58 -23.57 32.02
N GLN C 14 -7.84 -23.63 32.42
CA GLN C 14 -8.90 -24.23 31.61
C GLN C 14 -9.15 -23.38 30.36
N GLU C 15 -9.13 -22.07 30.53
CA GLU C 15 -9.34 -21.17 29.41
C GLU C 15 -8.09 -21.04 28.54
N ALA C 16 -6.91 -21.28 29.11
CA ALA C 16 -5.66 -21.09 28.39
C ALA C 16 -5.68 -21.78 27.00
N GLY C 17 -6.16 -23.01 26.96
CA GLY C 17 -6.27 -23.76 25.72
C GLY C 17 -7.11 -23.09 24.65
N ASN C 18 -8.19 -22.43 25.07
CA ASN C 18 -9.05 -21.69 24.16
C ASN C 18 -8.37 -20.46 23.59
N PHE C 19 -7.59 -19.73 24.38
CA PHE C 19 -6.84 -18.59 23.88
C PHE C 19 -5.80 -18.92 22.80
N GLU C 20 -4.99 -19.94 23.09
CA GLU C 20 -4.06 -20.53 22.16
C GLU C 20 -4.68 -20.96 20.85
N ARG C 21 -5.82 -21.60 20.93
CA ARG C 21 -6.64 -21.89 19.76
C ARG C 21 -6.97 -20.63 18.95
N ILE C 22 -7.50 -19.64 19.61
CA ILE C 22 -7.83 -18.36 18.99
C ILE C 22 -6.59 -17.71 18.40
N SER C 23 -5.52 -17.67 19.19
CA SER C 23 -4.27 -17.07 18.75
C SER C 23 -3.74 -17.74 17.50
N GLY C 24 -3.75 -19.07 17.50
CA GLY C 24 -3.28 -19.85 16.37
C GLY C 24 -4.11 -19.61 15.12
N ASP C 25 -5.42 -19.54 15.28
CA ASP C 25 -6.31 -19.30 14.14
C ASP C 25 -6.18 -17.88 13.62
N LEU C 26 -5.99 -16.91 14.51
CA LEU C 26 -5.72 -15.53 14.09
C LEU C 26 -4.47 -15.46 13.24
N LYS C 27 -3.38 -16.05 13.71
CA LYS C 27 -2.14 -16.00 12.98
C LYS C 27 -2.26 -16.68 11.61
N THR C 28 -2.98 -17.80 11.57
CA THR C 28 -3.21 -18.51 10.31
C THR C 28 -4.00 -17.64 9.32
N GLN C 29 -5.03 -16.96 9.80
CA GLN C 29 -5.80 -16.07 8.93
C GLN C 29 -4.99 -14.89 8.46
N ILE C 30 -4.17 -14.35 9.35
CA ILE C 30 -3.32 -13.22 9.00
C ILE C 30 -2.31 -13.62 7.91
N ASP C 31 -1.79 -14.84 7.99
CA ASP C 31 -0.86 -15.35 6.98
C ASP C 31 -1.53 -15.51 5.63
N GLN C 32 -2.75 -16.02 5.64
CA GLN C 32 -3.51 -16.12 4.41
C GLN C 32 -3.70 -14.74 3.78
N VAL C 33 -4.07 -13.75 4.55
CA VAL C 33 -4.25 -12.40 4.05
C VAL C 33 -3.03 -11.93 3.27
N GLU C 34 -1.91 -11.88 3.91
CA GLU C 34 -0.71 -11.42 3.27
C GLU C 34 -0.21 -12.25 2.13
N SER C 35 -0.32 -13.54 2.25
CA SER C 35 -0.19 -14.49 1.18
C SER C 35 -1.02 -14.15 -0.07
N THR C 36 -2.32 -14.17 0.10
CA THR C 36 -3.24 -13.85 -0.98
C THR C 36 -3.05 -12.43 -1.55
N ALA C 37 -2.99 -11.43 -0.67
CA ALA C 37 -2.79 -10.07 -1.13
C ALA C 37 -1.49 -9.95 -1.90
N GLY C 38 -0.47 -10.68 -1.45
CA GLY C 38 0.82 -10.69 -2.11
C GLY C 38 0.80 -11.37 -3.48
N SER C 39 -0.15 -12.25 -3.67
CA SER C 39 -0.22 -13.02 -4.85
C SER C 39 -0.77 -12.17 -5.97
N LEU C 40 -1.51 -11.15 -5.59
CA LEU C 40 -2.12 -10.19 -6.47
C LEU C 40 -1.29 -8.96 -6.83
N GLN C 41 -0.24 -8.68 -6.09
CA GLN C 41 0.43 -7.44 -6.22
C GLN C 41 1.00 -7.12 -7.60
N GLY C 42 1.51 -8.10 -8.31
CA GLY C 42 1.94 -7.89 -9.66
C GLY C 42 0.89 -7.79 -10.74
N GLN C 43 -0.35 -8.12 -10.43
CA GLN C 43 -1.50 -7.75 -11.23
C GLN C 43 -1.79 -6.26 -11.42
N TRP C 44 -1.47 -5.44 -10.45
CA TRP C 44 -1.98 -4.10 -10.37
C TRP C 44 -1.12 -3.12 -11.13
N ARG C 45 -1.75 -2.10 -11.67
CA ARG C 45 -1.02 -1.04 -12.35
C ARG C 45 -1.50 0.31 -11.82
N GLY C 46 -0.74 1.35 -12.15
CA GLY C 46 -1.13 2.71 -11.81
C GLY C 46 -1.52 2.93 -10.37
N ALA C 47 -2.53 3.77 -10.18
CA ALA C 47 -2.96 4.21 -8.85
C ALA C 47 -3.46 3.04 -8.00
N ALA C 48 -3.90 1.97 -8.66
CA ALA C 48 -4.41 0.78 -7.98
C ALA C 48 -3.29 -0.01 -7.33
N GLY C 49 -2.19 -0.14 -8.02
CA GLY C 49 -1.01 -0.71 -7.48
C GLY C 49 -0.52 -0.01 -6.25
N THR C 50 -0.66 1.29 -6.23
CA THR C 50 -0.19 2.11 -5.15
C THR C 50 -1.10 1.99 -3.97
N ALA C 51 -2.38 2.08 -4.21
CA ALA C 51 -3.40 1.82 -3.23
C ALA C 51 -3.30 0.47 -2.57
N ALA C 52 -3.24 -0.57 -3.38
CA ALA C 52 -3.03 -1.91 -2.93
C ALA C 52 -1.78 -2.09 -2.04
N GLN C 53 -0.68 -1.56 -2.46
CA GLN C 53 0.54 -1.62 -1.75
C GLN C 53 0.49 -0.93 -0.39
N ALA C 54 -0.05 0.25 -0.34
CA ALA C 54 -0.22 0.98 0.89
C ALA C 54 -1.17 0.25 1.85
N ALA C 55 -2.25 -0.30 1.35
CA ALA C 55 -3.15 -1.08 2.19
C ALA C 55 -2.45 -2.30 2.81
N VAL C 56 -1.59 -2.95 2.04
CA VAL C 56 -0.86 -4.10 2.54
C VAL C 56 0.11 -3.70 3.66
N VAL C 57 0.82 -2.60 3.46
CA VAL C 57 1.71 -2.06 4.48
C VAL C 57 0.91 -1.81 5.75
N ARG C 58 -0.20 -1.10 5.61
CA ARG C 58 -1.04 -0.82 6.76
C ARG C 58 -1.47 -2.10 7.47
N PHE C 59 -1.99 -3.08 6.72
CA PHE C 59 -2.39 -4.37 7.29
C PHE C 59 -1.25 -5.07 8.01
N GLN C 60 -0.09 -5.11 7.39
CA GLN C 60 1.03 -5.79 7.94
C GLN C 60 1.49 -5.24 9.28
N GLU C 61 1.52 -3.93 9.42
CA GLU C 61 1.75 -3.29 10.67
C GLU C 61 0.71 -3.59 11.72
N ALA C 62 -0.55 -3.57 11.34
CA ALA C 62 -1.65 -3.89 12.24
C ALA C 62 -1.57 -5.36 12.68
N ALA C 63 -1.31 -6.24 11.71
CA ALA C 63 -1.20 -7.66 11.96
C ALA C 63 -0.02 -7.96 12.90
N ASN C 64 1.08 -7.25 12.69
CA ASN C 64 2.28 -7.45 13.51
C ASN C 64 2.02 -7.06 14.96
N LYS C 65 1.39 -5.91 15.15
CA LYS C 65 0.89 -5.51 16.43
C LYS C 65 -0.02 -6.50 17.12
N GLN C 66 -0.93 -7.10 16.39
CA GLN C 66 -1.83 -8.10 16.95
C GLN C 66 -1.05 -9.35 17.36
N LYS C 67 -0.08 -9.74 16.56
CA LYS C 67 0.70 -10.96 16.79
C LYS C 67 1.60 -10.83 18.01
N GLN C 68 2.26 -9.69 18.16
CA GLN C 68 3.08 -9.48 19.34
C GLN C 68 2.19 -9.43 20.58
N GLU C 69 1.03 -8.80 20.48
CA GLU C 69 0.08 -8.76 21.59
C GLU C 69 -0.43 -10.15 22.00
N LEU C 70 -0.72 -10.99 21.01
CA LEU C 70 -1.16 -12.36 21.25
C LEU C 70 -0.09 -13.12 22.03
N ASP C 71 1.15 -12.95 21.61
CA ASP C 71 2.26 -13.64 22.24
C ASP C 71 2.52 -13.15 23.66
N GLU C 72 2.39 -11.85 23.88
CA GLU C 72 2.52 -11.30 25.23
C GLU C 72 1.48 -11.91 26.14
N ILE C 73 0.23 -11.95 25.68
CA ILE C 73 -0.84 -12.56 26.45
C ILE C 73 -0.56 -14.04 26.75
N SER C 74 -0.16 -14.79 25.72
CA SER C 74 0.27 -16.17 25.90
C SER C 74 1.31 -16.32 27.00
N THR C 75 2.30 -15.42 26.98
CA THR C 75 3.37 -15.40 27.98
C THR C 75 2.83 -15.08 29.36
N ASN C 76 1.96 -14.07 29.46
CA ASN C 76 1.30 -13.72 30.71
C ASN C 76 0.55 -14.91 31.29
N ILE C 77 -0.23 -15.61 30.46
CA ILE C 77 -0.91 -16.84 30.81
C ILE C 77 0.00 -17.91 31.42
N ARG C 78 1.01 -18.28 30.67
CA ARG C 78 2.11 -19.07 31.13
C ARG C 78 2.79 -18.65 32.42
N GLN C 79 3.30 -17.43 32.51
CA GLN C 79 3.91 -16.89 33.71
C GLN C 79 3.00 -17.08 34.90
N ALA C 80 1.77 -16.66 34.79
CA ALA C 80 0.80 -16.83 35.83
C ALA C 80 0.62 -18.26 36.27
N GLY C 81 0.50 -19.17 35.32
CA GLY C 81 0.42 -20.58 35.63
C GLY C 81 1.61 -21.05 36.47
N VAL C 82 2.80 -20.61 36.09
CA VAL C 82 4.03 -20.95 36.82
C VAL C 82 3.99 -20.40 38.24
N GLN C 83 3.55 -19.16 38.39
CA GLN C 83 3.42 -18.56 39.72
C GLN C 83 2.45 -19.36 40.59
N TYR C 84 1.33 -19.80 40.00
CA TYR C 84 0.35 -20.55 40.74
C TYR C 84 0.90 -21.91 41.21
N SER C 85 1.60 -22.59 40.33
CA SER C 85 2.21 -23.82 40.67
C SER C 85 3.34 -23.73 41.68
N ARG C 86 4.13 -22.70 41.63
CA ARG C 86 4.97 -22.40 42.75
C ARG C 86 4.26 -22.25 44.07
N ALA C 87 3.40 -21.26 44.17
CA ALA C 87 2.58 -21.06 45.31
C ALA C 87 1.95 -22.30 45.87
N ASP C 88 1.43 -23.15 44.99
CA ASP C 88 0.80 -24.39 45.40
C ASP C 88 1.84 -25.39 45.90
N GLU C 89 2.93 -25.51 45.16
CA GLU C 89 4.04 -26.37 45.56
C GLU C 89 4.53 -26.02 46.96
N GLU C 90 4.88 -24.75 47.16
CA GLU C 90 5.26 -24.26 48.48
C GLU C 90 4.44 -24.93 49.57
N GLN C 91 3.17 -24.56 49.65
CA GLN C 91 2.17 -25.42 50.28
C GLN C 91 2.45 -26.90 50.01
N ASN D 6 -6.85 -15.16 -14.43
CA ASN D 6 -6.47 -13.76 -14.36
C ASN D 6 -7.62 -13.05 -13.73
N PHE D 7 -8.71 -12.83 -14.45
CA PHE D 7 -9.80 -12.17 -13.82
C PHE D 7 -10.67 -12.91 -12.80
N ALA D 8 -11.04 -14.15 -13.11
CA ALA D 8 -11.37 -15.14 -12.12
C ALA D 8 -10.42 -15.25 -10.93
N GLY D 9 -9.16 -15.27 -11.22
CA GLY D 9 -8.13 -15.17 -10.23
C GLY D 9 -8.24 -14.05 -9.22
N ILE D 10 -8.22 -12.82 -9.69
CA ILE D 10 -8.49 -11.69 -8.86
C ILE D 10 -9.73 -11.89 -8.07
N GLU D 11 -10.79 -12.30 -8.70
CA GLU D 11 -12.01 -12.42 -7.97
C GLU D 11 -11.92 -13.43 -6.84
N ALA D 12 -11.42 -14.61 -7.13
CA ALA D 12 -11.20 -15.63 -6.14
C ALA D 12 -10.33 -15.15 -5.01
N ALA D 13 -9.29 -14.40 -5.32
CA ALA D 13 -8.49 -13.75 -4.29
C ALA D 13 -9.23 -12.77 -3.43
N ALA D 14 -9.97 -11.87 -4.06
CA ALA D 14 -10.78 -10.92 -3.35
C ALA D 14 -11.78 -11.59 -2.43
N SER D 15 -12.42 -12.63 -2.91
CA SER D 15 -13.39 -13.37 -2.12
C SER D 15 -12.76 -14.13 -0.94
N ALA D 16 -11.58 -14.73 -1.14
CA ALA D 16 -10.87 -15.37 -0.03
C ALA D 16 -10.52 -14.34 1.04
N ILE D 17 -10.02 -13.21 0.63
CA ILE D 17 -9.71 -12.14 1.54
C ILE D 17 -10.88 -11.69 2.35
N GLN D 18 -12.01 -11.60 1.73
CA GLN D 18 -13.19 -11.19 2.43
C GLN D 18 -13.63 -12.22 3.42
N GLY D 19 -13.45 -13.48 3.10
CA GLY D 19 -13.47 -14.53 4.09
C GLY D 19 -12.57 -14.36 5.29
N ASN D 20 -11.33 -13.97 5.07
CA ASN D 20 -10.42 -13.55 6.11
C ASN D 20 -10.90 -12.38 6.94
N VAL D 21 -11.52 -11.40 6.32
CA VAL D 21 -12.04 -10.26 7.02
C VAL D 21 -13.05 -10.71 8.05
N THR D 22 -14.00 -11.49 7.62
CA THR D 22 -15.01 -11.98 8.47
C THR D 22 -14.43 -12.82 9.57
N SER D 23 -13.55 -13.70 9.22
CA SER D 23 -13.06 -14.66 10.12
C SER D 23 -12.13 -14.04 11.21
N ILE D 24 -11.32 -13.10 10.83
CA ILE D 24 -10.54 -12.39 11.78
C ILE D 24 -11.39 -11.56 12.72
N HIS D 25 -12.38 -10.86 12.21
CA HIS D 25 -13.24 -10.06 13.05
C HIS D 25 -13.79 -10.94 14.15
N SER D 26 -14.32 -12.07 13.76
CA SER D 26 -14.85 -13.02 14.67
C SER D 26 -13.85 -13.61 15.67
N LEU D 27 -12.66 -13.90 15.21
CA LEU D 27 -11.64 -14.42 16.12
C LEU D 27 -11.18 -13.38 17.15
N LEU D 28 -11.13 -12.11 16.74
CA LEU D 28 -10.80 -11.02 17.65
C LEU D 28 -11.88 -10.88 18.72
N ASP D 29 -13.15 -10.99 18.30
CA ASP D 29 -14.25 -10.96 19.25
C ASP D 29 -14.13 -12.11 20.28
N GLU D 30 -13.85 -13.30 19.81
CA GLU D 30 -13.57 -14.44 20.65
C GLU D 30 -12.43 -14.21 21.61
N GLY D 31 -11.35 -13.64 21.12
CA GLY D 31 -10.19 -13.34 21.93
C GLY D 31 -10.52 -12.40 23.08
N LYS D 32 -11.35 -11.40 22.82
CA LYS D 32 -11.69 -10.41 23.83
C LYS D 32 -12.50 -11.03 24.94
N GLN D 33 -13.38 -11.94 24.58
CA GLN D 33 -14.14 -12.72 25.53
C GLN D 33 -13.27 -13.60 26.36
N SER D 34 -12.33 -14.24 25.73
CA SER D 34 -11.34 -15.01 26.44
C SER D 34 -10.62 -14.26 27.56
N LEU D 35 -10.31 -13.00 27.35
CA LEU D 35 -9.63 -12.17 28.32
C LEU D 35 -10.33 -12.11 29.66
N THR D 36 -11.62 -12.07 29.57
CA THR D 36 -12.50 -12.17 30.70
C THR D 36 -12.29 -13.40 31.54
N LYS D 37 -12.17 -14.53 30.89
CA LYS D 37 -11.91 -15.76 31.54
C LYS D 37 -10.46 -15.99 31.93
N LEU D 38 -9.54 -15.25 31.35
CA LEU D 38 -8.12 -15.27 31.72
C LEU D 38 -7.74 -14.18 32.70
N ALA D 39 -8.73 -13.47 33.19
CA ALA D 39 -8.48 -12.28 34.02
C ALA D 39 -7.48 -12.51 35.15
N ALA D 40 -7.47 -13.71 35.72
CA ALA D 40 -6.58 -14.01 36.86
C ALA D 40 -5.12 -13.74 36.49
N ALA D 41 -4.81 -13.89 35.21
CA ALA D 41 -3.42 -13.73 34.76
C ALA D 41 -2.90 -12.34 35.05
N TRP D 42 -3.80 -11.39 35.27
CA TRP D 42 -3.41 -10.00 35.51
C TRP D 42 -3.92 -9.48 36.87
N GLY D 43 -4.30 -10.41 37.74
CA GLY D 43 -4.77 -10.05 39.07
C GLY D 43 -6.28 -9.97 39.16
N GLY D 44 -6.97 -10.41 38.12
CA GLY D 44 -8.43 -10.41 38.15
C GLY D 44 -9.04 -9.18 37.49
N SER D 45 -10.34 -9.26 37.24
CA SER D 45 -11.01 -8.25 36.42
C SER D 45 -11.06 -6.88 37.09
N GLY D 46 -10.55 -6.81 38.32
CA GLY D 46 -10.59 -5.57 39.08
C GLY D 46 -9.26 -4.84 39.15
N SER D 47 -8.25 -5.33 38.44
CA SER D 47 -6.92 -4.73 38.53
C SER D 47 -6.67 -3.71 37.42
N GLU D 48 -5.74 -2.78 37.67
CA GLU D 48 -5.31 -1.82 36.64
C GLU D 48 -4.77 -2.55 35.41
N ALA D 49 -4.00 -3.61 35.63
CA ALA D 49 -3.32 -4.31 34.54
C ALA D 49 -4.32 -4.98 33.62
N TYR D 50 -5.39 -5.50 34.20
CA TYR D 50 -6.45 -6.13 33.43
C TYR D 50 -7.13 -5.13 32.51
N GLN D 51 -7.40 -3.95 33.05
CA GLN D 51 -8.02 -2.90 32.25
C GLN D 51 -7.09 -2.42 31.14
N GLY D 52 -5.80 -2.40 31.41
CA GLY D 52 -4.82 -2.08 30.37
C GLY D 52 -4.82 -3.09 29.24
N VAL D 53 -4.89 -4.37 29.60
CA VAL D 53 -4.94 -5.45 28.63
C VAL D 53 -6.20 -5.34 27.77
N GLN D 54 -7.34 -5.07 28.40
CA GLN D 54 -8.59 -4.89 27.68
C GLN D 54 -8.54 -3.71 26.71
N GLN D 55 -8.05 -2.58 27.18
CA GLN D 55 -7.97 -1.39 26.34
C GLN D 55 -7.02 -1.61 25.16
N LYS D 56 -5.89 -2.27 25.42
CA LYS D 56 -4.91 -2.57 24.37
C LYS D 56 -5.49 -3.54 23.35
N TRP D 57 -6.23 -4.54 23.82
CA TRP D 57 -6.91 -5.45 22.90
C TRP D 57 -7.83 -4.68 21.96
N ASP D 58 -8.68 -3.83 22.53
CA ASP D 58 -9.67 -3.10 21.74
C ASP D 58 -9.00 -2.28 20.64
N ALA D 59 -8.00 -1.50 21.03
CA ALA D 59 -7.28 -0.65 20.09
C ALA D 59 -6.58 -1.44 18.99
N THR D 60 -5.90 -2.52 19.37
CA THR D 60 -5.17 -3.35 18.42
C THR D 60 -6.14 -4.05 17.46
N ALA D 61 -7.27 -4.52 18.01
CA ALA D 61 -8.30 -5.20 17.23
C ALA D 61 -8.96 -4.22 16.26
N THR D 62 -9.29 -3.04 16.74
CA THR D 62 -9.90 -1.99 15.93
C THR D 62 -9.05 -1.66 14.70
N GLU D 63 -7.75 -1.46 14.90
CA GLU D 63 -6.87 -1.17 13.79
C GLU D 63 -6.71 -2.36 12.83
N LEU D 64 -6.66 -3.58 13.37
CA LEU D 64 -6.54 -4.73 12.49
C LEU D 64 -7.78 -4.89 11.62
N ASN D 65 -8.93 -4.74 12.22
CA ASN D 65 -10.16 -4.80 11.49
C ASN D 65 -10.26 -3.69 10.47
N ASN D 66 -9.95 -2.47 10.83
CA ASN D 66 -9.95 -1.35 9.92
C ASN D 66 -8.97 -1.49 8.76
N ALA D 67 -7.77 -1.97 9.03
CA ALA D 67 -6.75 -2.21 8.03
C ALA D 67 -7.16 -3.28 7.03
N LEU D 68 -7.77 -4.30 7.55
CA LEU D 68 -8.26 -5.41 6.83
C LEU D 68 -9.47 -5.11 5.95
N GLN D 69 -10.39 -4.35 6.47
CA GLN D 69 -11.42 -3.71 5.69
C GLN D 69 -10.90 -2.83 4.55
N ASN D 70 -9.95 -1.99 4.84
CA ASN D 70 -9.31 -1.16 3.87
C ASN D 70 -8.67 -1.97 2.78
N LEU D 71 -8.04 -3.06 3.16
CA LEU D 71 -7.36 -3.92 2.26
C LEU D 71 -8.34 -4.64 1.35
N ALA D 72 -9.39 -5.16 1.91
CA ALA D 72 -10.41 -5.82 1.16
C ALA D 72 -11.11 -4.90 0.20
N ARG D 73 -11.43 -3.72 0.65
CA ARG D 73 -12.04 -2.67 -0.16
C ARG D 73 -11.11 -2.26 -1.30
N THR D 74 -9.84 -2.08 -0.97
CA THR D 74 -8.85 -1.68 -1.97
C THR D 74 -8.62 -2.77 -3.03
N ILE D 75 -8.59 -4.02 -2.61
CA ILE D 75 -8.39 -5.10 -3.57
C ILE D 75 -9.62 -5.30 -4.45
N SER D 76 -10.81 -5.20 -3.86
CA SER D 76 -12.03 -5.30 -4.64
C SER D 76 -12.16 -4.18 -5.66
N GLU D 77 -11.79 -2.99 -5.27
CA GLU D 77 -11.81 -1.87 -6.17
C GLU D 77 -10.81 -1.98 -7.30
N ALA D 78 -9.60 -2.34 -6.99
CA ALA D 78 -8.57 -2.54 -8.00
C ALA D 78 -9.01 -3.61 -8.98
N GLY D 79 -9.72 -4.62 -8.47
CA GLY D 79 -10.19 -5.71 -9.28
C GLY D 79 -11.23 -5.23 -10.28
N GLN D 80 -12.32 -4.68 -9.80
CA GLN D 80 -13.32 -4.15 -10.64
C GLN D 80 -12.80 -3.07 -11.56
N ALA D 81 -12.04 -2.15 -11.06
CA ALA D 81 -11.38 -1.27 -11.99
C ALA D 81 -10.88 -2.04 -13.19
N MET D 82 -9.97 -2.96 -12.98
CA MET D 82 -9.30 -3.66 -14.05
C MET D 82 -10.28 -4.19 -15.08
N ALA D 83 -11.35 -4.77 -14.61
CA ALA D 83 -12.18 -5.64 -15.43
C ALA D 83 -12.97 -4.84 -16.46
#